data_6DJ4
#
_entry.id   6DJ4
#
_cell.length_a   124.375
_cell.length_b   49.441
_cell.length_c   103.692
_cell.angle_alpha   90.00
_cell.angle_beta   108.65
_cell.angle_gamma   90.00
#
_symmetry.space_group_name_H-M   'C 1 2 1'
#
loop_
_entity.id
_entity.type
_entity.pdbx_description
1 polymer Cry1A.105
2 water water
#
_entity_poly.entity_id   1
_entity_poly.type   'polypeptide(L)'
_entity_poly.pdbx_seq_one_letter_code
;IETGYTPIDISLSLTQFLLSEFVPGAGFVLGLVDIIWGIFGPSQWDAFLVQIEQLINQRIEEFARNQAISRLEGLSNLYQ
IYAESFREWEADPTNPALREEMRIQFNDMNSALTTAIPLFAVQNYQVPLLSVYVQAANLHLSVLRDVSVFGQRWGFDAAT
INSRYNDLTRLIGNYTDHAVRWYNTGLERVWGPDSRDWIRYNQFRRELTLTVLDIVSLFPNYDSRTYPIRTVSQLTREIY
TNPVLENFDGSFRGSAQGIEGSIRSPHLMDILNSITIYTDAHRGEYYWSGHQIMASPVGFSGPEFTFPLYGTMGNAAPQQ
RIVAQLGQGVYRTLSSTLYRRPFNIGINNQQLSVLDGTEFAYGTSSNLPSAVYRKSGTVDSLDEIPPQNNNVPPRQGFSH
RLSHVSMFRSGFSNSSVSIIRAPMFSWIHRSAEFNNIIASDSITQIPLVKAHTLQSGTTVVRGPGFTGGDILRRTSGGPF
AYTIVNINGQLPQRYRARIRYASTTNLRIYVTVAGERIFAGQFNKTMDTGDPLTFQSFSYATINTAFTFPMSQSSFTVGA
DTFSSGNEVYIDRFELIPVTATLEAEYNLER
;
_entity_poly.pdbx_strand_id   A
#
# COMPACT_ATOMS: atom_id res chain seq x y z
N TYR A 5 11.13 0.05 -17.30
CA TYR A 5 12.08 -1.03 -17.40
C TYR A 5 12.08 -1.88 -16.13
N THR A 6 12.08 -1.23 -14.98
CA THR A 6 12.19 -1.91 -13.71
C THR A 6 10.85 -2.54 -13.31
N PRO A 7 10.88 -3.64 -12.54
CA PRO A 7 9.62 -4.22 -12.06
C PRO A 7 8.86 -3.30 -11.12
N ILE A 8 9.56 -2.41 -10.41
CA ILE A 8 8.87 -1.46 -9.54
C ILE A 8 8.06 -0.47 -10.37
N ASP A 9 8.61 -0.06 -11.52
CA ASP A 9 7.84 0.71 -12.49
C ASP A 9 6.57 -0.03 -12.89
N ILE A 10 6.70 -1.33 -13.17
CA ILE A 10 5.60 -2.09 -13.73
C ILE A 10 4.54 -2.38 -12.68
N SER A 11 4.97 -2.68 -11.45
CA SER A 11 4.02 -3.05 -10.40
C SER A 11 3.14 -1.87 -10.01
N LEU A 12 3.69 -0.64 -10.02
CA LEU A 12 2.89 0.52 -9.67
C LEU A 12 1.88 0.84 -10.74
N SER A 13 2.25 0.69 -12.01
CA SER A 13 1.28 0.86 -13.09
C SER A 13 0.19 -0.19 -13.04
N LEU A 14 0.52 -1.40 -12.56
CA LEU A 14 -0.48 -2.44 -12.40
C LEU A 14 -1.41 -2.13 -11.23
N THR A 15 -0.86 -1.57 -10.15
CA THR A 15 -1.68 -1.28 -8.97
C THR A 15 -2.78 -0.27 -9.29
N GLN A 16 -2.46 0.76 -10.07
CA GLN A 16 -3.47 1.75 -10.42
C GLN A 16 -4.51 1.17 -11.38
N PHE A 17 -4.10 0.26 -12.26
CA PHE A 17 -5.07 -0.42 -13.10
C PHE A 17 -6.01 -1.29 -12.27
N LEU A 18 -5.52 -1.84 -11.17
CA LEU A 18 -6.35 -2.66 -10.28
C LEU A 18 -7.18 -1.84 -9.31
N LEU A 19 -6.93 -0.52 -9.22
CA LEU A 19 -7.72 0.35 -8.37
C LEU A 19 -8.77 1.12 -9.15
N SER A 20 -8.38 1.79 -10.23
CA SER A 20 -9.32 2.59 -11.02
C SER A 20 -10.16 1.69 -11.94
N GLU A 21 -9.52 1.09 -12.94
CA GLU A 21 -10.23 0.29 -13.94
C GLU A 21 -10.21 -1.18 -13.53
N PHE A 22 -10.98 -1.48 -12.49
CA PHE A 22 -11.08 -2.81 -11.93
C PHE A 22 -12.46 -3.44 -12.18
N VAL A 23 -13.11 -3.07 -13.28
CA VAL A 23 -14.39 -3.68 -13.63
C VAL A 23 -14.12 -4.74 -14.69
N PRO A 24 -14.75 -5.90 -14.60
CA PRO A 24 -14.41 -7.00 -15.52
C PRO A 24 -14.97 -6.76 -16.91
N GLY A 25 -14.45 -7.52 -17.86
CA GLY A 25 -14.83 -7.43 -19.25
C GLY A 25 -13.62 -7.54 -20.14
N ALA A 26 -13.82 -7.23 -21.43
CA ALA A 26 -12.72 -7.30 -22.37
C ALA A 26 -11.65 -6.26 -22.07
N GLY A 27 -12.07 -5.08 -21.57
CA GLY A 27 -11.11 -4.03 -21.27
C GLY A 27 -10.18 -4.39 -20.13
N PHE A 28 -10.71 -5.10 -19.13
CA PHE A 28 -9.87 -5.51 -18.00
C PHE A 28 -8.86 -6.56 -18.41
N VAL A 29 -9.26 -7.49 -19.27
CA VAL A 29 -8.36 -8.56 -19.70
C VAL A 29 -7.32 -8.01 -20.67
N LEU A 30 -7.73 -7.11 -21.56
CA LEU A 30 -6.78 -6.43 -22.45
C LEU A 30 -5.77 -5.61 -21.67
N GLY A 31 -6.10 -5.19 -20.45
CA GLY A 31 -5.17 -4.43 -19.63
C GLY A 31 -4.09 -5.29 -19.01
N LEU A 32 -4.43 -6.50 -18.58
CA LEU A 32 -3.45 -7.37 -17.95
C LEU A 32 -2.35 -7.76 -18.92
N VAL A 33 -2.70 -8.00 -20.19
CA VAL A 33 -1.69 -8.34 -21.18
C VAL A 33 -0.86 -7.12 -21.54
N ASP A 34 -1.46 -5.93 -21.57
CA ASP A 34 -0.73 -4.73 -21.97
C ASP A 34 0.20 -4.19 -20.89
N ILE A 35 0.12 -4.69 -19.66
CA ILE A 35 0.98 -4.23 -18.58
C ILE A 35 1.94 -5.33 -18.12
N ILE A 36 1.47 -6.57 -18.05
CA ILE A 36 2.28 -7.65 -17.50
C ILE A 36 2.51 -8.75 -18.54
N TRP A 37 1.42 -9.40 -18.97
CA TRP A 37 1.49 -10.69 -19.62
C TRP A 37 1.66 -10.62 -21.13
N GLY A 38 1.85 -9.43 -21.70
CA GLY A 38 2.13 -9.33 -23.11
C GLY A 38 3.58 -9.50 -23.48
N ILE A 39 4.45 -9.74 -22.50
CA ILE A 39 5.88 -9.82 -22.76
C ILE A 39 6.18 -11.06 -23.59
N PHE A 40 7.03 -10.87 -24.61
CA PHE A 40 7.63 -11.98 -25.33
C PHE A 40 9.05 -12.18 -24.84
N GLY A 41 9.43 -13.45 -24.67
CA GLY A 41 10.75 -13.77 -24.19
C GLY A 41 10.85 -13.71 -22.68
N PRO A 42 12.06 -13.87 -22.15
CA PRO A 42 12.23 -13.95 -20.71
C PRO A 42 12.87 -12.71 -20.08
N SER A 43 13.12 -11.67 -20.88
CA SER A 43 13.86 -10.52 -20.38
C SER A 43 13.11 -9.71 -19.34
N GLN A 44 11.80 -9.93 -19.19
CA GLN A 44 11.02 -9.26 -18.15
C GLN A 44 10.88 -10.10 -16.89
N TRP A 45 10.79 -11.43 -17.02
CA TRP A 45 10.74 -12.28 -15.85
C TRP A 45 12.11 -12.44 -15.20
N ASP A 46 13.18 -12.29 -15.99
CA ASP A 46 14.52 -12.25 -15.43
C ASP A 46 14.66 -11.06 -14.48
N ALA A 47 14.29 -9.86 -14.96
CA ALA A 47 14.37 -8.67 -14.12
C ALA A 47 13.49 -8.79 -12.88
N PHE A 48 12.34 -9.46 -13.00
CA PHE A 48 11.49 -9.66 -11.82
C PHE A 48 12.17 -10.56 -10.80
N LEU A 49 13.04 -11.47 -11.23
CA LEU A 49 13.79 -12.31 -10.31
C LEU A 49 15.05 -11.63 -9.78
N VAL A 50 15.77 -10.90 -10.64
CA VAL A 50 17.00 -10.24 -10.22
C VAL A 50 16.72 -9.19 -9.14
N GLN A 51 15.57 -8.52 -9.21
CA GLN A 51 15.28 -7.42 -8.30
C GLN A 51 15.22 -7.86 -6.85
N ILE A 52 14.99 -9.15 -6.59
CA ILE A 52 14.98 -9.67 -5.23
C ILE A 52 16.25 -10.47 -4.91
N GLU A 53 16.86 -11.11 -5.90
CA GLU A 53 18.15 -11.77 -5.67
C GLU A 53 19.23 -10.75 -5.33
N GLN A 54 19.30 -9.67 -6.10
CA GLN A 54 20.24 -8.59 -5.81
C GLN A 54 20.07 -8.04 -4.41
N LEU A 55 18.87 -8.17 -3.84
CA LEU A 55 18.55 -7.63 -2.53
C LEU A 55 18.92 -8.59 -1.41
N ILE A 56 18.70 -9.89 -1.59
CA ILE A 56 19.02 -10.88 -0.57
C ILE A 56 20.36 -11.57 -0.82
N ASN A 57 21.09 -11.15 -1.86
CA ASN A 57 22.41 -11.69 -2.17
C ASN A 57 22.38 -13.21 -2.37
N GLN A 58 21.37 -13.69 -3.11
CA GLN A 58 21.28 -15.11 -3.42
C GLN A 58 20.50 -15.29 -4.71
N ARG A 59 21.09 -16.00 -5.66
CA ARG A 59 20.48 -16.27 -6.95
C ARG A 59 19.82 -17.65 -6.93
N ILE A 60 18.67 -17.76 -7.61
CA ILE A 60 17.98 -19.04 -7.67
C ILE A 60 18.78 -20.03 -8.51
N GLU A 61 18.84 -21.27 -8.03
CA GLU A 61 19.51 -22.33 -8.79
C GLU A 61 18.89 -22.44 -10.18
N GLU A 62 19.76 -22.56 -11.19
CA GLU A 62 19.36 -22.27 -12.57
C GLU A 62 18.27 -23.22 -13.07
N PHE A 63 18.21 -24.44 -12.53
CA PHE A 63 17.17 -25.37 -12.97
C PHE A 63 15.78 -24.86 -12.57
N ALA A 64 15.59 -24.59 -11.28
CA ALA A 64 14.34 -23.99 -10.83
C ALA A 64 14.15 -22.58 -11.37
N ARG A 65 15.24 -21.91 -11.74
CA ARG A 65 15.15 -20.55 -12.28
C ARG A 65 14.68 -20.56 -13.73
N ASN A 66 15.29 -21.42 -14.55
CA ASN A 66 14.84 -21.55 -15.93
C ASN A 66 13.43 -22.15 -15.99
N GLN A 67 13.16 -23.15 -15.14
CA GLN A 67 11.85 -23.78 -15.15
C GLN A 67 10.76 -22.80 -14.75
N ALA A 68 11.04 -21.92 -13.80
CA ALA A 68 10.04 -20.92 -13.40
C ALA A 68 9.87 -19.86 -14.48
N ILE A 69 10.97 -19.41 -15.08
CA ILE A 69 10.90 -18.40 -16.13
C ILE A 69 10.18 -18.96 -17.36
N SER A 70 10.53 -20.18 -17.76
CA SER A 70 9.88 -20.78 -18.92
C SER A 70 8.43 -21.15 -18.63
N ARG A 71 8.12 -21.47 -17.36
CA ARG A 71 6.72 -21.70 -17.00
C ARG A 71 5.92 -20.41 -17.11
N LEU A 72 6.53 -19.27 -16.77
CA LEU A 72 5.88 -17.98 -16.94
C LEU A 72 5.65 -17.67 -18.41
N GLU A 73 6.69 -17.80 -19.23
CA GLU A 73 6.54 -17.57 -20.67
C GLU A 73 5.54 -18.53 -21.29
N GLY A 74 5.31 -19.69 -20.66
CA GLY A 74 4.23 -20.54 -21.11
C GLY A 74 2.86 -19.95 -20.78
N LEU A 75 2.71 -19.47 -19.54
CA LEU A 75 1.47 -18.78 -19.17
C LEU A 75 1.27 -17.52 -19.99
N SER A 76 2.36 -16.83 -20.33
CA SER A 76 2.25 -15.61 -21.12
C SER A 76 1.68 -15.88 -22.50
N ASN A 77 1.98 -17.06 -23.08
CA ASN A 77 1.37 -17.42 -24.35
C ASN A 77 -0.09 -17.82 -24.17
N LEU A 78 -0.40 -18.54 -23.09
CA LEU A 78 -1.75 -19.04 -22.89
C LEU A 78 -2.73 -17.92 -22.58
N TYR A 79 -2.32 -16.95 -21.77
CA TYR A 79 -3.23 -15.87 -21.40
C TYR A 79 -3.49 -14.92 -22.56
N GLN A 80 -2.50 -14.73 -23.44
CA GLN A 80 -2.75 -13.93 -24.63
C GLN A 80 -3.79 -14.58 -25.53
N ILE A 81 -3.78 -15.91 -25.60
CA ILE A 81 -4.84 -16.63 -26.33
C ILE A 81 -6.16 -16.47 -25.62
N TYR A 82 -6.15 -16.65 -24.29
CA TYR A 82 -7.38 -16.46 -23.50
C TYR A 82 -7.90 -15.03 -23.65
N ALA A 83 -7.01 -14.05 -23.70
CA ALA A 83 -7.43 -12.66 -23.82
C ALA A 83 -8.15 -12.41 -25.13
N GLU A 84 -7.51 -12.77 -26.25
CA GLU A 84 -8.13 -12.57 -27.56
C GLU A 84 -9.39 -13.42 -27.74
N SER A 85 -9.49 -14.54 -27.02
CA SER A 85 -10.73 -15.32 -27.06
C SER A 85 -11.85 -14.60 -26.32
N PHE A 86 -11.52 -13.95 -25.20
CA PHE A 86 -12.51 -13.15 -24.47
C PHE A 86 -13.01 -12.00 -25.33
N ARG A 87 -12.10 -11.31 -26.02
CA ARG A 87 -12.49 -10.14 -26.81
C ARG A 87 -13.44 -10.53 -27.94
N GLU A 88 -13.18 -11.66 -28.60
CA GLU A 88 -14.06 -12.12 -29.67
C GLU A 88 -15.44 -12.44 -29.13
N TRP A 89 -15.52 -13.06 -27.95
CA TRP A 89 -16.81 -13.50 -27.43
C TRP A 89 -17.65 -12.33 -26.93
N GLU A 90 -17.01 -11.32 -26.35
CA GLU A 90 -17.78 -10.16 -25.87
C GLU A 90 -18.45 -9.44 -27.03
N ALA A 91 -17.79 -9.39 -28.18
CA ALA A 91 -18.38 -8.75 -29.35
C ALA A 91 -19.52 -9.56 -29.95
N ASP A 92 -19.63 -10.84 -29.60
CA ASP A 92 -20.74 -11.67 -30.05
C ASP A 92 -20.98 -12.79 -29.03
N PRO A 93 -21.72 -12.51 -27.96
CA PRO A 93 -21.84 -13.50 -26.87
C PRO A 93 -22.83 -14.62 -27.13
N THR A 94 -23.44 -14.68 -28.31
CA THR A 94 -24.42 -15.72 -28.61
C THR A 94 -23.84 -16.87 -29.43
N ASN A 95 -22.80 -16.61 -30.22
CA ASN A 95 -22.16 -17.60 -31.07
C ASN A 95 -21.79 -18.84 -30.25
N PRO A 96 -22.35 -20.01 -30.55
CA PRO A 96 -22.03 -21.20 -29.76
C PRO A 96 -20.57 -21.62 -29.85
N ALA A 97 -19.94 -21.40 -31.01
CA ALA A 97 -18.52 -21.74 -31.15
C ALA A 97 -17.64 -20.84 -30.30
N LEU A 98 -18.02 -19.57 -30.15
CA LEU A 98 -17.26 -18.66 -29.30
C LEU A 98 -17.44 -19.03 -27.82
N ARG A 99 -18.64 -19.47 -27.45
CA ARG A 99 -18.88 -19.88 -26.06
C ARG A 99 -18.14 -21.17 -25.73
N GLU A 100 -18.03 -22.08 -26.70
CA GLU A 100 -17.34 -23.34 -26.45
C GLU A 100 -15.85 -23.11 -26.25
N GLU A 101 -15.23 -22.32 -27.13
CA GLU A 101 -13.83 -21.95 -26.95
C GLU A 101 -13.63 -21.22 -25.63
N MET A 102 -14.60 -20.39 -25.24
CA MET A 102 -14.48 -19.65 -23.98
C MET A 102 -14.40 -20.61 -22.80
N ARG A 103 -15.22 -21.66 -22.79
CA ARG A 103 -15.13 -22.68 -21.74
C ARG A 103 -13.82 -23.43 -21.83
N ILE A 104 -13.37 -23.74 -23.05
CA ILE A 104 -12.13 -24.49 -23.23
C ILE A 104 -10.93 -23.66 -22.81
N GLN A 105 -10.94 -22.36 -23.13
CA GLN A 105 -9.80 -21.51 -22.77
C GLN A 105 -9.66 -21.36 -21.26
N PHE A 106 -10.77 -21.21 -20.55
CA PHE A 106 -10.70 -21.07 -19.10
C PHE A 106 -10.23 -22.36 -18.44
N ASN A 107 -10.80 -23.49 -18.86
CA ASN A 107 -10.41 -24.78 -18.27
C ASN A 107 -8.92 -25.05 -18.47
N ASP A 108 -8.38 -24.65 -19.62
CA ASP A 108 -6.95 -24.81 -19.85
C ASP A 108 -6.15 -23.76 -19.08
N MET A 109 -6.64 -22.52 -19.04
CA MET A 109 -5.91 -21.46 -18.33
C MET A 109 -5.94 -21.69 -16.82
N ASN A 110 -7.05 -22.24 -16.30
CA ASN A 110 -7.13 -22.52 -14.86
C ASN A 110 -6.20 -23.66 -14.48
N SER A 111 -6.25 -24.76 -15.24
CA SER A 111 -5.42 -25.92 -14.93
C SER A 111 -3.94 -25.59 -15.07
N ALA A 112 -3.58 -24.76 -16.06
CA ALA A 112 -2.18 -24.42 -16.26
C ALA A 112 -1.67 -23.47 -15.19
N LEU A 113 -2.55 -22.68 -14.58
CA LEU A 113 -2.14 -21.83 -13.47
C LEU A 113 -2.02 -22.64 -12.18
N THR A 114 -2.92 -23.61 -11.97
CA THR A 114 -2.81 -24.48 -10.81
C THR A 114 -1.53 -25.30 -10.84
N THR A 115 -1.07 -25.69 -12.04
CA THR A 115 0.16 -26.45 -12.15
C THR A 115 1.40 -25.58 -12.10
N ALA A 116 1.27 -24.27 -12.30
CA ALA A 116 2.43 -23.38 -12.37
C ALA A 116 2.76 -22.74 -11.03
N ILE A 117 1.78 -22.59 -10.14
CA ILE A 117 2.04 -21.94 -8.85
C ILE A 117 3.08 -22.68 -8.04
N PRO A 118 3.07 -24.01 -7.92
CA PRO A 118 4.13 -24.69 -7.16
C PRO A 118 5.55 -24.37 -7.63
N LEU A 119 5.73 -24.04 -8.91
CA LEU A 119 7.05 -23.67 -9.40
C LEU A 119 7.51 -22.32 -8.88
N PHE A 120 6.62 -21.53 -8.29
CA PHE A 120 6.97 -20.24 -7.70
C PHE A 120 7.05 -20.31 -6.18
N ALA A 121 6.99 -21.51 -5.61
CA ALA A 121 7.13 -21.75 -4.18
C ALA A 121 8.13 -22.88 -3.94
N VAL A 122 9.20 -22.90 -4.73
CA VAL A 122 10.17 -23.99 -4.66
C VAL A 122 10.84 -24.01 -3.30
N GLN A 123 11.15 -25.21 -2.82
CA GLN A 123 11.83 -25.39 -1.53
C GLN A 123 13.09 -24.54 -1.46
N ASN A 124 13.17 -23.70 -0.43
CA ASN A 124 14.31 -22.84 -0.13
C ASN A 124 14.51 -21.74 -1.17
N TYR A 125 13.47 -21.38 -1.93
CA TYR A 125 13.58 -20.29 -2.89
C TYR A 125 12.27 -19.50 -3.01
N GLN A 126 11.40 -19.56 -2.01
CA GLN A 126 10.09 -18.92 -2.13
C GLN A 126 10.21 -17.40 -2.06
N VAL A 127 11.17 -16.88 -1.32
CA VAL A 127 11.31 -15.44 -1.11
C VAL A 127 11.75 -14.74 -2.41
N PRO A 128 12.77 -15.22 -3.11
CA PRO A 128 13.12 -14.56 -4.38
C PRO A 128 12.06 -14.69 -5.46
N LEU A 129 11.33 -15.81 -5.50
CA LEU A 129 10.27 -16.01 -6.48
C LEU A 129 8.96 -15.31 -6.11
N LEU A 130 8.98 -14.43 -5.11
CA LEU A 130 7.73 -13.94 -4.54
C LEU A 130 6.99 -13.01 -5.52
N SER A 131 7.69 -12.02 -6.08
CA SER A 131 7.04 -11.09 -6.99
C SER A 131 6.47 -11.81 -8.21
N VAL A 132 7.14 -12.87 -8.67
CA VAL A 132 6.58 -13.68 -9.75
C VAL A 132 5.39 -14.48 -9.23
N TYR A 133 5.45 -14.96 -7.98
CA TYR A 133 4.35 -15.73 -7.42
C TYR A 133 3.08 -14.91 -7.35
N VAL A 134 3.18 -13.65 -6.90
CA VAL A 134 1.99 -12.82 -6.78
C VAL A 134 1.50 -12.37 -8.15
N GLN A 135 2.40 -12.22 -9.12
CA GLN A 135 1.98 -11.93 -10.48
C GLN A 135 1.10 -13.06 -11.03
N ALA A 136 1.54 -14.30 -10.88
CA ALA A 136 0.73 -15.43 -11.31
C ALA A 136 -0.50 -15.60 -10.43
N ALA A 137 -0.41 -15.22 -9.16
CA ALA A 137 -1.56 -15.32 -8.27
C ALA A 137 -2.63 -14.30 -8.65
N ASN A 138 -2.22 -13.08 -8.99
CA ASN A 138 -3.17 -12.07 -9.46
C ASN A 138 -3.85 -12.51 -10.74
N LEU A 139 -3.13 -13.24 -11.60
CA LEU A 139 -3.72 -13.71 -12.84
C LEU A 139 -4.73 -14.83 -12.58
N HIS A 140 -4.43 -15.72 -11.63
CA HIS A 140 -5.30 -16.85 -11.37
C HIS A 140 -6.64 -16.41 -10.80
N LEU A 141 -6.64 -15.39 -9.93
CA LEU A 141 -7.88 -14.94 -9.33
C LEU A 141 -8.72 -14.13 -10.31
N SER A 142 -8.08 -13.41 -11.23
CA SER A 142 -8.83 -12.64 -12.22
C SER A 142 -9.64 -13.54 -13.14
N VAL A 143 -9.03 -14.66 -13.57
CA VAL A 143 -9.76 -15.56 -14.45
C VAL A 143 -10.75 -16.40 -13.67
N LEU A 144 -10.53 -16.61 -12.38
CA LEU A 144 -11.55 -17.25 -11.55
C LEU A 144 -12.69 -16.31 -11.22
N ARG A 145 -12.46 -15.00 -11.33
CA ARG A 145 -13.56 -14.03 -11.21
C ARG A 145 -14.35 -13.93 -12.51
N ASP A 146 -13.70 -14.16 -13.65
CA ASP A 146 -14.39 -14.06 -14.94
C ASP A 146 -15.49 -15.10 -15.07
N VAL A 147 -15.25 -16.32 -14.59
CA VAL A 147 -16.26 -17.37 -14.70
C VAL A 147 -17.43 -17.11 -13.76
N SER A 148 -17.16 -16.53 -12.58
CA SER A 148 -18.24 -16.27 -11.64
C SER A 148 -19.25 -15.26 -12.19
N VAL A 149 -18.81 -14.36 -13.06
CA VAL A 149 -19.67 -13.33 -13.60
C VAL A 149 -20.04 -13.56 -15.07
N PHE A 150 -19.28 -14.37 -15.81
CA PHE A 150 -19.59 -14.64 -17.21
C PHE A 150 -19.81 -16.11 -17.51
N GLY A 151 -19.51 -17.02 -16.59
CA GLY A 151 -19.58 -18.44 -16.89
C GLY A 151 -20.96 -18.92 -17.25
N GLN A 152 -22.00 -18.30 -16.69
CA GLN A 152 -23.36 -18.70 -17.03
C GLN A 152 -23.72 -18.31 -18.46
N ARG A 153 -23.10 -17.25 -18.98
CA ARG A 153 -23.31 -16.85 -20.37
C ARG A 153 -22.36 -17.54 -21.33
N TRP A 154 -21.37 -18.28 -20.82
CA TRP A 154 -20.49 -19.08 -21.66
C TRP A 154 -21.05 -20.48 -21.91
N GLY A 155 -21.94 -20.96 -21.04
CA GLY A 155 -22.44 -22.31 -21.12
C GLY A 155 -22.15 -23.17 -19.92
N PHE A 156 -21.42 -22.67 -18.92
CA PHE A 156 -21.15 -23.44 -17.71
C PHE A 156 -22.43 -23.61 -16.89
N ASP A 157 -22.46 -24.68 -16.11
CA ASP A 157 -23.61 -25.02 -15.30
C ASP A 157 -23.48 -24.44 -13.89
N ALA A 158 -24.58 -24.48 -13.14
CA ALA A 158 -24.60 -23.89 -11.80
C ALA A 158 -23.64 -24.61 -10.86
N ALA A 159 -23.53 -25.93 -10.98
CA ALA A 159 -22.67 -26.69 -10.09
C ALA A 159 -21.19 -26.37 -10.33
N THR A 160 -20.77 -26.36 -11.60
CA THR A 160 -19.36 -26.09 -11.89
C THR A 160 -19.03 -24.61 -11.70
N ILE A 161 -20.01 -23.72 -11.86
CA ILE A 161 -19.78 -22.31 -11.55
C ILE A 161 -19.58 -22.12 -10.05
N ASN A 162 -20.43 -22.76 -9.24
CA ASN A 162 -20.29 -22.64 -7.79
C ASN A 162 -19.01 -23.31 -7.30
N SER A 163 -18.57 -24.37 -7.96
CA SER A 163 -17.32 -25.01 -7.57
C SER A 163 -16.13 -24.09 -7.79
N ARG A 164 -16.16 -23.29 -8.86
CA ARG A 164 -15.06 -22.39 -9.14
C ARG A 164 -15.06 -21.16 -8.24
N TYR A 165 -16.23 -20.78 -7.71
CA TYR A 165 -16.25 -19.64 -6.79
C TYR A 165 -15.62 -20.01 -5.45
N ASN A 166 -15.88 -21.23 -4.96
CA ASN A 166 -15.23 -21.67 -3.73
C ASN A 166 -13.72 -21.76 -3.92
N ASP A 167 -13.26 -22.03 -5.13
CA ASP A 167 -11.83 -21.93 -5.42
C ASP A 167 -11.36 -20.48 -5.37
N LEU A 168 -12.22 -19.56 -5.79
CA LEU A 168 -11.85 -18.14 -5.75
C LEU A 168 -11.65 -17.67 -4.32
N THR A 169 -12.64 -17.94 -3.44
CA THR A 169 -12.54 -17.47 -2.07
C THR A 169 -11.45 -18.21 -1.30
N ARG A 170 -11.20 -19.48 -1.61
CA ARG A 170 -10.14 -20.21 -0.93
C ARG A 170 -8.76 -19.71 -1.34
N LEU A 171 -8.60 -19.34 -2.62
CA LEU A 171 -7.30 -18.91 -3.10
C LEU A 171 -7.00 -17.46 -2.81
N ILE A 172 -8.02 -16.61 -2.61
CA ILE A 172 -7.75 -15.25 -2.14
C ILE A 172 -7.04 -15.29 -0.79
N GLY A 173 -7.33 -16.31 0.02
CA GLY A 173 -6.71 -16.44 1.32
C GLY A 173 -5.37 -17.15 1.30
N ASN A 174 -5.30 -18.30 0.64
CA ASN A 174 -4.07 -19.09 0.66
C ASN A 174 -2.95 -18.43 -0.12
N TYR A 175 -3.27 -17.67 -1.17
CA TYR A 175 -2.26 -16.84 -1.82
C TYR A 175 -1.77 -15.74 -0.88
N THR A 176 -2.72 -15.06 -0.22
CA THR A 176 -2.36 -13.97 0.68
C THR A 176 -1.50 -14.47 1.84
N ASP A 177 -1.91 -15.57 2.48
CA ASP A 177 -1.16 -16.09 3.61
C ASP A 177 0.24 -16.51 3.19
N HIS A 178 0.38 -17.07 1.99
CA HIS A 178 1.71 -17.41 1.49
C HIS A 178 2.55 -16.17 1.28
N ALA A 179 1.95 -15.09 0.78
CA ALA A 179 2.70 -13.88 0.48
C ALA A 179 3.19 -13.21 1.76
N VAL A 180 2.31 -13.04 2.75
CA VAL A 180 2.71 -12.40 3.99
C VAL A 180 3.66 -13.28 4.78
N ARG A 181 3.55 -14.60 4.63
CA ARG A 181 4.46 -15.50 5.34
C ARG A 181 5.90 -15.31 4.88
N TRP A 182 6.11 -15.24 3.57
CA TRP A 182 7.45 -15.12 3.02
C TRP A 182 7.86 -13.68 2.79
N TYR A 183 6.95 -12.71 2.95
CA TYR A 183 7.38 -11.33 3.07
C TYR A 183 8.01 -11.07 4.43
N ASN A 184 7.34 -11.55 5.49
CA ASN A 184 7.89 -11.41 6.84
C ASN A 184 9.19 -12.19 6.99
N THR A 185 9.23 -13.42 6.46
CA THR A 185 10.45 -14.21 6.53
C THR A 185 11.58 -13.54 5.77
N GLY A 186 11.30 -13.05 4.56
CA GLY A 186 12.33 -12.35 3.81
C GLY A 186 12.76 -11.06 4.46
N LEU A 187 11.82 -10.33 5.07
CA LEU A 187 12.16 -9.12 5.80
C LEU A 187 13.15 -9.42 6.92
N GLU A 188 12.94 -10.54 7.63
CA GLU A 188 13.78 -10.87 8.77
C GLU A 188 15.19 -11.26 8.33
N ARG A 189 15.31 -12.03 7.25
CA ARG A 189 16.62 -12.52 6.80
C ARG A 189 17.56 -11.41 6.38
N VAL A 190 17.07 -10.19 6.22
CA VAL A 190 17.88 -9.05 5.83
C VAL A 190 18.14 -8.10 7.00
N TRP A 191 17.20 -7.99 7.94
CA TRP A 191 17.38 -7.13 9.10
C TRP A 191 18.68 -7.45 9.84
N GLY A 192 19.40 -6.40 10.26
CA GLY A 192 20.67 -6.56 10.93
C GLY A 192 21.00 -5.43 11.88
N PRO A 193 22.17 -5.50 12.51
CA PRO A 193 22.49 -4.53 13.57
C PRO A 193 23.04 -3.21 13.06
N ASP A 194 23.77 -3.23 11.94
CA ASP A 194 24.51 -2.06 11.50
C ASP A 194 23.68 -1.23 10.49
N SER A 195 24.30 -0.15 10.01
CA SER A 195 23.57 0.83 9.20
C SER A 195 23.18 0.26 7.84
N ARG A 196 24.16 -0.23 7.08
CA ARG A 196 23.88 -0.78 5.76
C ARG A 196 22.94 -1.97 5.83
N ASP A 197 22.81 -2.59 7.01
CA ASP A 197 21.79 -3.62 7.19
C ASP A 197 20.40 -3.01 7.17
N TRP A 198 20.23 -1.82 7.76
CA TRP A 198 18.94 -1.16 7.73
C TRP A 198 18.59 -0.67 6.33
N ILE A 199 19.59 -0.22 5.58
CA ILE A 199 19.35 0.21 4.20
C ILE A 199 18.80 -0.95 3.38
N ARG A 200 19.44 -2.12 3.49
CA ARG A 200 18.91 -3.33 2.87
C ARG A 200 17.55 -3.70 3.46
N TYR A 201 17.34 -3.40 4.75
CA TYR A 201 16.09 -3.75 5.40
C TYR A 201 14.93 -2.87 4.92
N ASN A 202 15.17 -1.56 4.81
CA ASN A 202 14.12 -0.66 4.35
C ASN A 202 13.89 -0.79 2.85
N GLN A 203 14.93 -1.08 2.08
CA GLN A 203 14.77 -1.28 0.65
C GLN A 203 13.94 -2.53 0.37
N PHE A 204 14.21 -3.62 1.10
CA PHE A 204 13.37 -4.80 0.97
C PHE A 204 11.93 -4.50 1.36
N ARG A 205 11.74 -3.70 2.40
CA ARG A 205 10.39 -3.30 2.81
C ARG A 205 9.73 -2.44 1.73
N ARG A 206 10.48 -1.56 1.09
CA ARG A 206 9.91 -0.66 0.11
C ARG A 206 9.60 -1.38 -1.20
N GLU A 207 10.57 -2.11 -1.74
CA GLU A 207 10.39 -2.72 -3.05
C GLU A 207 9.37 -3.85 -3.04
N LEU A 208 9.28 -4.60 -1.95
CA LEU A 208 8.28 -5.65 -1.86
C LEU A 208 6.90 -5.15 -1.46
N THR A 209 6.83 -3.99 -0.81
CA THR A 209 5.52 -3.36 -0.63
C THR A 209 4.95 -2.94 -1.98
N LEU A 210 5.79 -2.45 -2.88
CA LEU A 210 5.33 -1.97 -4.17
C LEU A 210 5.09 -3.10 -5.16
N THR A 211 5.85 -4.20 -5.05
CA THR A 211 5.76 -5.29 -6.01
C THR A 211 5.00 -6.51 -5.49
N VAL A 212 4.64 -6.53 -4.21
CA VAL A 212 3.93 -7.67 -3.64
C VAL A 212 2.75 -7.22 -2.80
N LEU A 213 3.02 -6.48 -1.71
CA LEU A 213 2.00 -6.23 -0.71
C LEU A 213 0.86 -5.37 -1.25
N ASP A 214 1.18 -4.32 -2.02
CA ASP A 214 0.13 -3.47 -2.57
C ASP A 214 -0.78 -4.23 -3.51
N ILE A 215 -0.32 -5.32 -4.10
CA ILE A 215 -1.16 -6.11 -5.00
C ILE A 215 -2.01 -7.10 -4.22
N VAL A 216 -1.43 -7.74 -3.19
CA VAL A 216 -2.18 -8.71 -2.41
C VAL A 216 -3.31 -8.04 -1.64
N SER A 217 -3.14 -6.77 -1.28
CA SER A 217 -4.19 -6.05 -0.54
C SER A 217 -5.47 -5.91 -1.35
N LEU A 218 -5.40 -6.10 -2.68
CA LEU A 218 -6.56 -5.95 -3.54
C LEU A 218 -7.19 -7.27 -3.95
N PHE A 219 -6.59 -8.40 -3.54
CA PHE A 219 -7.17 -9.70 -3.84
C PHE A 219 -8.61 -9.88 -3.38
N PRO A 220 -9.03 -9.38 -2.20
CA PRO A 220 -10.45 -9.54 -1.82
C PRO A 220 -11.43 -8.94 -2.82
N ASN A 221 -11.03 -7.91 -3.56
CA ASN A 221 -11.96 -7.25 -4.48
C ASN A 221 -12.35 -8.12 -5.66
N TYR A 222 -11.65 -9.25 -5.89
CA TYR A 222 -12.07 -10.19 -6.90
C TYR A 222 -13.34 -10.95 -6.51
N ASP A 223 -13.74 -10.89 -5.24
CA ASP A 223 -14.95 -11.57 -4.77
C ASP A 223 -16.17 -10.87 -5.36
N SER A 224 -16.72 -11.45 -6.42
CA SER A 224 -17.87 -10.84 -7.07
C SER A 224 -19.15 -10.98 -6.25
N ARG A 225 -19.19 -11.91 -5.29
CA ARG A 225 -20.35 -12.03 -4.42
C ARG A 225 -20.25 -11.15 -3.19
N THR A 226 -19.04 -10.78 -2.77
CA THR A 226 -18.87 -9.79 -1.70
C THR A 226 -18.97 -8.37 -2.25
N TYR A 227 -18.44 -8.15 -3.46
CA TYR A 227 -18.49 -6.86 -4.14
C TYR A 227 -19.23 -7.04 -5.45
N PRO A 228 -20.56 -7.05 -5.43
CA PRO A 228 -21.32 -7.23 -6.68
C PRO A 228 -21.22 -6.06 -7.63
N ILE A 229 -20.79 -4.89 -7.16
CA ILE A 229 -20.63 -3.72 -8.02
C ILE A 229 -19.22 -3.17 -7.90
N ARG A 230 -19.04 -1.93 -8.32
CA ARG A 230 -17.72 -1.30 -8.30
C ARG A 230 -17.29 -1.00 -6.87
N THR A 231 -16.00 -1.19 -6.59
CA THR A 231 -15.44 -0.87 -5.29
C THR A 231 -14.06 -0.24 -5.48
N VAL A 232 -13.72 0.69 -4.59
CA VAL A 232 -12.47 1.43 -4.66
C VAL A 232 -11.74 1.28 -3.33
N SER A 233 -10.47 0.92 -3.39
CA SER A 233 -9.64 0.74 -2.20
C SER A 233 -8.77 1.97 -1.96
N GLN A 234 -8.16 2.02 -0.77
CA GLN A 234 -7.29 3.13 -0.39
C GLN A 234 -6.08 2.56 0.35
N LEU A 235 -4.91 2.68 -0.26
CA LEU A 235 -3.66 2.25 0.36
C LEU A 235 -3.14 3.38 1.22
N THR A 236 -3.23 3.22 2.54
CA THR A 236 -2.86 4.26 3.49
C THR A 236 -1.48 4.04 4.11
N ARG A 237 -0.81 2.94 3.77
CA ARG A 237 0.50 2.68 4.35
C ARG A 237 1.53 3.65 3.80
N GLU A 238 2.60 3.86 4.56
CA GLU A 238 3.69 4.73 4.18
C GLU A 238 4.96 3.92 3.97
N ILE A 239 5.74 4.31 2.97
CA ILE A 239 7.07 3.76 2.74
C ILE A 239 8.06 4.92 2.75
N TYR A 240 9.31 4.61 3.07
CA TYR A 240 10.26 5.62 3.49
C TYR A 240 11.51 5.62 2.63
N THR A 241 12.07 6.80 2.43
CA THR A 241 13.35 6.99 1.76
C THR A 241 14.22 7.90 2.62
N ASN A 242 15.54 7.70 2.52
CA ASN A 242 16.50 8.52 3.24
C ASN A 242 17.63 8.90 2.28
N PRO A 243 17.64 10.14 1.79
CA PRO A 243 18.69 10.53 0.83
C PRO A 243 20.09 10.49 1.40
N VAL A 244 20.27 10.89 2.66
CA VAL A 244 21.60 10.89 3.26
C VAL A 244 22.10 9.46 3.46
N LEU A 245 21.22 8.57 3.91
CA LEU A 245 21.64 7.21 4.22
C LEU A 245 21.83 6.37 2.95
N GLU A 246 21.01 6.61 1.92
CA GLU A 246 21.04 5.77 0.73
C GLU A 246 22.07 6.23 -0.30
N ASN A 247 22.49 7.49 -0.26
CA ASN A 247 23.41 7.99 -1.28
C ASN A 247 24.84 7.54 -1.02
N PHE A 248 25.27 7.55 0.24
CA PHE A 248 26.61 7.12 0.57
C PHE A 248 26.69 5.59 0.63
N ASP A 249 27.91 5.08 0.77
CA ASP A 249 28.15 3.64 0.78
C ASP A 249 28.65 3.10 2.11
N GLY A 250 29.55 3.81 2.77
CA GLY A 250 30.12 3.34 4.02
C GLY A 250 29.10 3.06 5.10
N SER A 251 29.16 1.86 5.68
CA SER A 251 28.20 1.46 6.70
C SER A 251 28.61 2.08 8.03
N PHE A 252 27.80 2.99 8.55
CA PHE A 252 28.01 3.59 9.86
C PHE A 252 27.72 2.53 10.91
N ARG A 253 28.77 1.90 11.44
CA ARG A 253 28.66 0.68 12.23
C ARG A 253 27.88 0.86 13.54
N GLY A 254 26.93 1.78 13.56
CA GLY A 254 26.22 2.10 14.79
C GLY A 254 24.90 1.39 14.98
N SER A 255 23.81 2.15 14.96
CA SER A 255 22.50 1.69 15.39
C SER A 255 21.55 1.61 14.21
N ALA A 256 21.13 0.40 13.86
CA ALA A 256 20.00 0.23 12.95
C ALA A 256 18.68 0.38 13.68
N GLN A 257 18.65 0.07 14.98
CA GLN A 257 17.46 0.34 15.79
C GLN A 257 17.23 1.84 15.93
N GLY A 258 18.30 2.61 16.08
CA GLY A 258 18.15 4.06 16.19
C GLY A 258 17.53 4.69 14.97
N ILE A 259 17.83 4.14 13.78
CA ILE A 259 17.20 4.63 12.56
C ILE A 259 15.73 4.21 12.52
N GLU A 260 15.48 2.90 12.69
CA GLU A 260 14.10 2.41 12.71
C GLU A 260 13.29 3.06 13.81
N GLY A 261 13.92 3.42 14.93
CA GLY A 261 13.22 4.12 15.98
C GLY A 261 12.81 5.53 15.59
N SER A 262 13.57 6.15 14.69
CA SER A 262 13.24 7.48 14.21
C SER A 262 12.03 7.48 13.28
N ILE A 263 11.53 6.31 12.89
CA ILE A 263 10.28 6.23 12.15
C ILE A 263 9.13 6.49 13.10
N ARG A 264 8.13 7.24 12.62
CA ARG A 264 6.97 7.54 13.43
C ARG A 264 6.13 6.29 13.67
N SER A 265 5.46 6.26 14.82
CA SER A 265 4.66 5.12 15.23
C SER A 265 3.33 5.08 14.49
N PRO A 266 2.64 3.95 14.52
CA PRO A 266 1.30 3.86 13.91
C PRO A 266 0.40 5.00 14.35
N HIS A 267 -0.31 5.59 13.38
CA HIS A 267 -0.98 6.86 13.58
C HIS A 267 -2.16 6.97 12.62
N LEU A 268 -3.06 7.90 12.93
CA LEU A 268 -4.10 8.28 11.99
C LEU A 268 -3.49 9.02 10.80
N MET A 269 -4.13 8.89 9.65
CA MET A 269 -3.65 9.59 8.46
C MET A 269 -3.79 11.10 8.64
N ASP A 270 -2.78 11.83 8.19
CA ASP A 270 -2.81 13.29 8.25
C ASP A 270 -2.19 13.86 6.99
N ILE A 271 -2.57 15.08 6.66
CA ILE A 271 -2.13 15.76 5.46
C ILE A 271 -1.03 16.74 5.84
N LEU A 272 0.19 16.46 5.39
CA LEU A 272 1.33 17.34 5.64
C LEU A 272 1.10 18.71 5.03
N ASN A 273 0.82 19.71 5.88
CA ASN A 273 0.55 21.06 5.40
C ASN A 273 1.84 21.79 5.05
N SER A 274 2.75 21.91 6.02
CA SER A 274 3.95 22.71 5.81
C SER A 274 5.09 22.14 6.64
N ILE A 275 6.31 22.58 6.30
CA ILE A 275 7.53 22.18 6.98
C ILE A 275 8.49 23.36 6.99
N THR A 276 8.99 23.71 8.18
CA THR A 276 9.93 24.81 8.34
C THR A 276 11.30 24.25 8.70
N ILE A 277 12.31 24.53 7.89
CA ILE A 277 13.64 23.97 8.04
C ILE A 277 14.54 24.99 8.70
N TYR A 278 15.34 24.54 9.66
CA TYR A 278 16.34 25.36 10.33
C TYR A 278 17.73 24.97 9.84
N THR A 279 18.60 25.97 9.69
CA THR A 279 19.90 25.78 9.03
C THR A 279 21.02 26.06 10.04
N ASP A 280 21.89 25.07 10.22
CA ASP A 280 23.14 25.23 10.95
C ASP A 280 24.30 25.22 9.96
N ALA A 281 25.51 25.38 10.48
CA ALA A 281 26.69 25.41 9.62
C ALA A 281 27.90 24.93 10.41
N HIS A 282 28.87 24.38 9.69
CA HIS A 282 30.12 23.94 10.29
C HIS A 282 31.24 24.09 9.28
N ARG A 283 32.25 24.90 9.62
CA ARG A 283 33.42 25.15 8.79
C ARG A 283 33.02 25.51 7.36
N GLY A 284 32.22 26.58 7.26
CA GLY A 284 31.83 27.09 5.96
C GLY A 284 30.96 26.14 5.17
N GLU A 285 30.09 25.39 5.83
CA GLU A 285 29.22 24.42 5.16
C GLU A 285 27.85 24.47 5.84
N TYR A 286 26.90 25.15 5.21
CA TYR A 286 25.56 25.30 5.76
C TYR A 286 24.73 24.06 5.39
N TYR A 287 23.86 23.64 6.31
CA TYR A 287 23.12 22.40 6.10
C TYR A 287 21.80 22.42 6.86
N TRP A 288 20.94 21.47 6.50
CA TRP A 288 19.64 21.26 7.14
C TRP A 288 19.87 20.60 8.50
N SER A 289 19.64 21.35 9.57
CA SER A 289 19.92 20.86 10.92
C SER A 289 18.68 20.29 11.59
N GLY A 290 17.53 20.94 11.41
CA GLY A 290 16.29 20.47 12.02
C GLY A 290 15.11 21.14 11.36
N HIS A 291 13.92 20.58 11.62
CA HIS A 291 12.72 21.09 11.00
C HIS A 291 11.51 20.83 11.89
N GLN A 292 10.42 21.53 11.57
CA GLN A 292 9.16 21.47 12.29
C GLN A 292 8.02 21.31 11.29
N ILE A 293 7.09 20.41 11.57
CA ILE A 293 6.09 19.97 10.61
C ILE A 293 4.69 20.31 11.12
N MET A 294 3.84 20.80 10.22
CA MET A 294 2.44 21.09 10.50
C MET A 294 1.57 20.25 9.57
N ALA A 295 0.56 19.59 10.14
CA ALA A 295 -0.30 18.68 9.38
C ALA A 295 -1.74 18.81 9.85
N SER A 296 -2.66 18.34 9.01
CA SER A 296 -4.10 18.43 9.24
C SER A 296 -4.74 17.07 9.16
N PRO A 297 -5.88 16.87 9.84
CA PRO A 297 -6.54 15.56 9.82
C PRO A 297 -7.14 15.25 8.45
N VAL A 298 -7.64 14.02 8.33
CA VAL A 298 -8.32 13.62 7.10
C VAL A 298 -9.58 14.47 6.93
N GLY A 299 -9.98 14.66 5.68
CA GLY A 299 -10.82 15.80 5.42
C GLY A 299 -10.03 17.04 5.77
N PHE A 300 -10.70 18.05 6.32
CA PHE A 300 -10.01 19.16 6.95
C PHE A 300 -10.86 19.69 8.09
N SER A 301 -11.53 18.79 8.80
CA SER A 301 -12.56 19.19 9.76
C SER A 301 -11.98 19.84 11.00
N GLY A 302 -10.79 19.42 11.42
CA GLY A 302 -10.16 19.97 12.60
C GLY A 302 -9.05 20.95 12.27
N PRO A 303 -8.53 21.63 13.29
CA PRO A 303 -7.37 22.50 13.06
C PRO A 303 -6.11 21.71 12.77
N GLU A 304 -5.01 22.38 12.48
CA GLU A 304 -3.77 21.70 12.12
C GLU A 304 -2.84 21.64 13.33
N PHE A 305 -2.43 20.43 13.69
CA PHE A 305 -1.47 20.24 14.76
C PHE A 305 -0.05 20.41 14.23
N THR A 306 0.86 20.80 15.13
CA THR A 306 2.27 20.92 14.80
C THR A 306 3.07 19.95 15.65
N PHE A 307 4.01 19.25 15.01
CA PHE A 307 4.76 18.21 15.69
C PHE A 307 5.90 18.81 16.51
N PRO A 308 6.38 18.08 17.52
CA PRO A 308 7.57 18.53 18.25
C PRO A 308 8.77 18.67 17.32
N LEU A 309 9.76 19.43 17.79
CA LEU A 309 10.90 19.78 16.95
C LEU A 309 11.68 18.55 16.53
N TYR A 310 11.89 18.40 15.22
CA TYR A 310 12.85 17.45 14.69
C TYR A 310 14.20 18.15 14.56
N GLY A 311 15.25 17.51 15.07
CA GLY A 311 16.56 18.11 14.92
C GLY A 311 16.78 19.31 15.82
N THR A 312 17.82 20.07 15.48
CA THR A 312 18.22 21.25 16.24
C THR A 312 17.83 22.52 15.50
N MET A 313 17.41 23.53 16.25
CA MET A 313 16.93 24.79 15.69
C MET A 313 18.12 25.75 15.56
N GLY A 314 18.92 25.53 14.52
CA GLY A 314 20.06 26.38 14.25
C GLY A 314 19.70 27.63 13.47
N ASN A 315 20.43 28.71 13.75
CA ASN A 315 20.19 29.99 13.09
C ASN A 315 21.42 30.49 12.35
N ALA A 316 22.21 29.57 11.79
CA ALA A 316 23.30 29.98 10.92
C ALA A 316 22.79 30.68 9.67
N ALA A 317 21.55 30.41 9.29
CA ALA A 317 20.81 31.12 8.25
C ALA A 317 19.42 31.39 8.79
N PRO A 318 18.71 32.37 8.24
CA PRO A 318 17.36 32.66 8.72
C PRO A 318 16.45 31.43 8.60
N GLN A 319 15.63 31.23 9.63
CA GLN A 319 14.74 30.07 9.65
C GLN A 319 13.72 30.08 8.53
N GLN A 320 13.53 31.24 7.88
CA GLN A 320 12.48 31.39 6.89
C GLN A 320 12.74 30.50 5.68
N ARG A 321 12.33 29.24 5.79
CA ARG A 321 12.29 28.32 4.66
C ARG A 321 11.11 27.38 4.90
N ILE A 322 9.92 27.96 5.01
CA ILE A 322 8.69 27.21 5.21
C ILE A 322 8.17 26.75 3.86
N VAL A 323 7.92 25.46 3.73
CA VAL A 323 7.49 24.84 2.47
C VAL A 323 6.11 24.23 2.69
N ALA A 324 5.18 24.54 1.79
CA ALA A 324 3.78 24.17 1.96
C ALA A 324 3.43 22.94 1.11
N GLN A 325 2.14 22.61 1.07
CA GLN A 325 1.61 21.59 0.17
C GLN A 325 0.61 22.26 -0.77
N LEU A 326 0.86 22.12 -2.07
CA LEU A 326 0.06 22.82 -3.07
C LEU A 326 -0.29 21.86 -4.19
N GLY A 327 -1.29 22.24 -4.97
CA GLY A 327 -1.75 21.39 -6.06
C GLY A 327 -2.23 20.07 -5.52
N GLN A 328 -1.55 18.99 -5.92
CA GLN A 328 -1.86 17.65 -5.43
C GLN A 328 -0.89 17.21 -4.33
N GLY A 329 -0.07 18.13 -3.83
CA GLY A 329 0.92 17.81 -2.83
C GLY A 329 2.31 17.70 -3.42
N VAL A 330 3.24 17.28 -2.57
CA VAL A 330 4.63 17.06 -2.99
C VAL A 330 4.74 15.63 -3.52
N TYR A 331 5.18 15.49 -4.76
CA TYR A 331 5.28 14.20 -5.40
C TYR A 331 6.71 13.68 -5.53
N ARG A 332 7.71 14.52 -5.24
CA ARG A 332 9.08 14.18 -5.59
C ARG A 332 10.03 15.16 -4.92
N THR A 333 11.16 14.64 -4.44
CA THR A 333 12.19 15.44 -3.81
C THR A 333 13.52 15.23 -4.51
N LEU A 334 14.26 16.32 -4.70
CA LEU A 334 15.61 16.28 -5.29
C LEU A 334 16.58 16.85 -4.26
N SER A 335 17.26 15.96 -3.55
CA SER A 335 18.09 16.35 -2.42
C SER A 335 19.58 16.38 -2.81
N SER A 336 20.35 17.16 -2.06
CA SER A 336 21.79 17.23 -2.20
C SER A 336 22.41 16.93 -0.84
N THR A 337 23.27 15.92 -0.80
CA THR A 337 23.88 15.46 0.45
C THR A 337 25.25 16.10 0.65
N LEU A 338 25.58 16.37 1.91
CA LEU A 338 26.88 16.88 2.31
C LEU A 338 27.52 15.86 3.23
N TYR A 339 28.66 15.32 2.79
CA TYR A 339 29.43 14.39 3.62
C TYR A 339 30.78 14.99 3.94
N ARG A 340 31.35 14.57 5.07
CA ARG A 340 32.66 15.02 5.50
C ARG A 340 33.30 13.87 6.27
N ARG A 341 34.29 13.22 5.65
CA ARG A 341 34.98 12.12 6.31
C ARG A 341 36.43 12.51 6.58
N PRO A 342 36.71 13.21 7.69
CA PRO A 342 38.09 13.60 7.98
C PRO A 342 38.95 12.41 8.39
N PHE A 343 40.16 12.68 8.86
CA PHE A 343 41.12 11.63 9.19
C PHE A 343 41.45 11.68 10.68
N ASN A 344 40.81 10.78 11.43
CA ASN A 344 41.17 10.41 12.81
C ASN A 344 41.93 11.46 13.62
N ASN A 348 38.02 16.90 18.16
CA ASN A 348 36.81 16.17 17.81
C ASN A 348 36.80 15.83 16.32
N ASN A 349 37.23 16.79 15.50
CA ASN A 349 37.27 16.69 14.03
C ASN A 349 35.96 16.11 13.48
N GLN A 350 35.05 16.99 13.11
CA GLN A 350 33.66 16.58 12.86
C GLN A 350 33.50 15.79 11.57
N GLN A 351 32.72 14.73 11.65
CA GLN A 351 32.16 14.07 10.48
C GLN A 351 30.77 14.66 10.19
N LEU A 352 30.42 14.71 8.91
CA LEU A 352 29.12 15.23 8.51
C LEU A 352 28.41 14.21 7.63
N SER A 353 27.08 14.12 7.81
CA SER A 353 26.19 13.28 7.00
C SER A 353 24.82 13.99 7.02
N VAL A 354 24.72 15.06 6.25
CA VAL A 354 23.60 15.99 6.30
C VAL A 354 23.18 16.35 4.88
N LEU A 355 22.22 17.26 4.78
CA LEU A 355 21.74 17.80 3.51
C LEU A 355 22.03 19.29 3.46
N ASP A 356 22.55 19.75 2.33
CA ASP A 356 22.76 21.18 2.09
C ASP A 356 21.84 21.72 1.01
N GLY A 357 20.69 21.05 0.81
CA GLY A 357 19.72 21.48 -0.17
C GLY A 357 18.77 20.38 -0.58
N THR A 358 17.52 20.76 -0.90
CA THR A 358 16.51 19.81 -1.32
C THR A 358 15.42 20.56 -2.07
N GLU A 359 15.04 20.06 -3.25
CA GLU A 359 13.97 20.62 -4.04
C GLU A 359 12.69 19.83 -3.78
N PHE A 360 11.58 20.54 -3.56
CA PHE A 360 10.27 19.94 -3.35
C PHE A 360 9.43 20.20 -4.59
N ALA A 361 9.23 19.15 -5.39
CA ALA A 361 8.45 19.27 -6.62
C ALA A 361 6.98 18.99 -6.33
N TYR A 362 6.10 19.73 -7.01
CA TYR A 362 4.67 19.69 -6.76
C TYR A 362 3.95 18.93 -7.85
N GLY A 363 2.83 18.30 -7.47
CA GLY A 363 2.03 17.51 -8.39
C GLY A 363 0.86 18.28 -8.92
N THR A 364 0.77 18.38 -10.25
CA THR A 364 -0.33 19.04 -10.92
C THR A 364 -0.47 18.46 -12.32
N SER A 365 -1.55 18.84 -13.00
CA SER A 365 -1.67 18.65 -14.44
C SER A 365 -1.28 19.91 -15.20
N SER A 366 -0.46 20.76 -14.58
CA SER A 366 -0.04 22.03 -15.15
C SER A 366 1.25 22.45 -14.47
N ASN A 367 1.79 23.59 -14.91
CA ASN A 367 3.04 24.08 -14.33
C ASN A 367 2.84 24.58 -12.91
N LEU A 368 3.85 24.34 -12.07
CA LEU A 368 3.87 24.83 -10.69
C LEU A 368 5.31 24.83 -10.21
N PRO A 369 5.83 25.99 -9.78
CA PRO A 369 7.27 26.08 -9.48
C PRO A 369 7.63 25.37 -8.18
N SER A 370 8.83 24.83 -8.15
CA SER A 370 9.30 24.04 -7.02
C SER A 370 9.51 24.92 -5.80
N ALA A 371 9.83 24.27 -4.69
CA ALA A 371 10.21 24.93 -3.44
C ALA A 371 11.66 24.52 -3.15
N VAL A 372 12.60 25.41 -3.42
CA VAL A 372 14.03 25.11 -3.32
C VAL A 372 14.52 25.55 -1.95
N TYR A 373 14.95 24.57 -1.14
CA TYR A 373 15.68 24.86 0.09
C TYR A 373 17.16 24.99 -0.25
N ARG A 374 17.70 26.20 -0.07
CA ARG A 374 19.09 26.51 -0.40
C ARG A 374 19.39 26.23 -1.87
N LYS A 375 19.43 24.95 -2.25
CA LYS A 375 19.73 24.56 -3.61
C LYS A 375 19.12 23.21 -3.91
N SER A 376 19.22 22.79 -5.16
CA SER A 376 18.72 21.50 -5.61
C SER A 376 19.84 20.47 -5.65
N GLY A 377 19.45 19.21 -5.79
CA GLY A 377 20.39 18.11 -5.85
C GLY A 377 19.93 17.05 -6.83
N THR A 378 20.76 16.00 -6.95
CA THR A 378 20.48 14.91 -7.87
C THR A 378 20.27 13.57 -7.16
N VAL A 379 19.90 13.62 -5.87
CA VAL A 379 19.46 12.42 -5.16
C VAL A 379 17.94 12.40 -5.29
N ASP A 380 17.46 11.73 -6.34
CA ASP A 380 16.07 11.80 -6.74
C ASP A 380 15.27 10.69 -6.08
N SER A 381 14.21 11.06 -5.37
CA SER A 381 13.28 10.08 -4.84
C SER A 381 12.47 9.40 -5.94
N LEU A 382 12.37 10.04 -7.11
CA LEU A 382 11.69 9.40 -8.24
C LEU A 382 12.39 8.11 -8.65
N ASP A 383 13.71 8.03 -8.45
CA ASP A 383 14.43 6.79 -8.73
C ASP A 383 13.98 5.65 -7.85
N GLU A 384 13.40 5.94 -6.68
CA GLU A 384 12.90 4.92 -5.78
C GLU A 384 11.39 4.94 -5.62
N ILE A 385 10.73 6.05 -5.95
CA ILE A 385 9.27 6.11 -5.98
C ILE A 385 8.86 6.40 -7.42
N PRO A 386 8.89 5.40 -8.31
CA PRO A 386 8.61 5.66 -9.73
C PRO A 386 7.15 6.01 -9.95
N PRO A 387 6.83 6.67 -11.06
CA PRO A 387 5.44 7.03 -11.32
C PRO A 387 4.60 5.82 -11.70
N GLN A 388 3.31 5.93 -11.44
CA GLN A 388 2.36 4.88 -11.82
C GLN A 388 1.84 5.03 -13.24
N ASN A 389 1.77 6.26 -13.75
CA ASN A 389 1.44 6.51 -15.14
C ASN A 389 2.66 7.06 -15.85
N ASN A 390 2.92 6.54 -17.05
CA ASN A 390 4.14 6.88 -17.79
C ASN A 390 3.89 7.64 -19.08
N ASN A 391 2.64 7.72 -19.53
CA ASN A 391 2.29 8.48 -20.73
C ASN A 391 2.04 9.95 -20.44
N VAL A 392 2.26 10.38 -19.21
CA VAL A 392 2.17 11.79 -18.82
C VAL A 392 3.43 12.14 -18.05
N PRO A 393 3.74 13.44 -17.93
CA PRO A 393 4.93 13.83 -17.16
C PRO A 393 4.86 13.29 -15.75
N PRO A 394 6.01 13.03 -15.13
CA PRO A 394 5.99 12.46 -13.77
C PRO A 394 5.27 13.32 -12.75
N ARG A 395 5.28 14.64 -12.95
CA ARG A 395 4.54 15.54 -12.07
C ARG A 395 3.04 15.25 -12.09
N GLN A 396 2.54 14.70 -13.20
CA GLN A 396 1.12 14.36 -13.30
C GLN A 396 0.83 12.90 -13.00
N GLY A 397 1.75 11.99 -13.33
CA GLY A 397 1.51 10.57 -13.13
C GLY A 397 2.23 9.97 -11.95
N PHE A 398 2.48 10.78 -10.93
CA PHE A 398 3.16 10.30 -9.72
C PHE A 398 2.35 9.22 -9.03
N SER A 399 3.05 8.39 -8.26
CA SER A 399 2.41 7.29 -7.54
C SER A 399 2.23 7.56 -6.05
N HIS A 400 3.05 8.42 -5.46
CA HIS A 400 2.98 8.70 -4.04
C HIS A 400 3.02 10.20 -3.79
N ARG A 401 2.49 10.59 -2.63
CA ARG A 401 2.52 11.96 -2.17
C ARG A 401 3.22 12.01 -0.81
N LEU A 402 4.07 13.02 -0.64
CA LEU A 402 4.80 13.18 0.62
C LEU A 402 3.82 13.42 1.76
N SER A 403 3.97 12.65 2.83
CA SER A 403 3.07 12.71 3.98
C SER A 403 3.74 13.13 5.27
N HIS A 404 5.03 12.85 5.45
CA HIS A 404 5.71 13.21 6.69
C HIS A 404 7.21 13.25 6.43
N VAL A 405 7.90 14.07 7.22
CA VAL A 405 9.36 14.15 7.16
C VAL A 405 9.93 14.09 8.58
N SER A 406 10.14 12.88 9.09
CA SER A 406 10.83 12.72 10.36
C SER A 406 12.33 12.88 10.15
N MET A 407 13.14 12.38 11.08
CA MET A 407 14.59 12.47 10.90
C MET A 407 15.30 11.50 11.82
N PHE A 408 16.30 10.81 11.26
CA PHE A 408 17.30 10.10 12.05
C PHE A 408 18.40 11.08 12.41
N ARG A 409 18.50 11.42 13.69
CA ARG A 409 19.44 12.42 14.16
C ARG A 409 20.46 11.80 15.09
N SER A 410 21.61 12.46 15.20
CA SER A 410 22.68 12.05 16.11
C SER A 410 23.74 13.14 16.15
N GLY A 411 24.44 13.22 17.28
CA GLY A 411 25.52 14.16 17.44
C GLY A 411 25.03 15.57 17.73
N PHE A 412 25.96 16.38 18.25
CA PHE A 412 25.72 17.78 18.54
C PHE A 412 26.95 18.58 18.13
N SER A 413 26.73 19.77 17.56
CA SER A 413 27.85 20.61 17.17
C SER A 413 28.76 20.91 18.35
N ASN A 414 28.22 20.87 19.57
CA ASN A 414 29.04 20.97 20.77
C ASN A 414 29.38 19.58 21.26
N SER A 415 30.68 19.26 21.27
CA SER A 415 31.29 18.10 21.94
C SER A 415 31.08 16.75 21.26
N SER A 416 30.58 16.70 20.04
CA SER A 416 30.45 15.43 19.32
C SER A 416 31.45 15.37 18.18
N VAL A 417 31.96 14.16 17.93
CA VAL A 417 32.90 13.96 16.84
C VAL A 417 32.20 13.66 15.53
N SER A 418 31.02 13.05 15.57
CA SER A 418 30.25 12.71 14.39
C SER A 418 28.87 13.35 14.49
N ILE A 419 28.34 13.79 13.34
CA ILE A 419 27.04 14.43 13.27
C ILE A 419 26.33 13.94 12.02
N ILE A 420 25.09 13.50 12.17
CA ILE A 420 24.24 13.09 11.05
C ILE A 420 22.86 13.66 11.26
N ARG A 421 22.34 14.35 10.25
CA ARG A 421 20.98 14.92 10.25
C ARG A 421 20.34 14.46 8.95
N ALA A 422 19.66 13.30 9.00
CA ALA A 422 19.12 12.65 7.81
C ALA A 422 17.60 12.56 7.89
N PRO A 423 16.87 13.49 7.27
CA PRO A 423 15.41 13.40 7.30
C PRO A 423 14.89 12.15 6.60
N MET A 424 13.86 11.56 7.19
CA MET A 424 13.17 10.41 6.62
C MET A 424 11.90 10.88 5.92
N PHE A 425 11.83 10.64 4.61
CA PHE A 425 10.69 11.08 3.81
C PHE A 425 9.64 9.96 3.78
N SER A 426 8.49 10.21 4.39
CA SER A 426 7.38 9.28 4.39
C SER A 426 6.51 9.52 3.17
N TRP A 427 6.30 8.49 2.36
CA TRP A 427 5.53 8.58 1.13
C TRP A 427 4.27 7.74 1.27
N ILE A 428 3.12 8.39 1.34
CA ILE A 428 1.83 7.71 1.36
C ILE A 428 1.38 7.50 -0.08
N HIS A 429 0.57 6.47 -0.30
CA HIS A 429 0.11 6.19 -1.65
C HIS A 429 -0.89 7.24 -2.12
N ARG A 430 -1.02 7.34 -3.45
CA ARG A 430 -1.90 8.36 -4.03
C ARG A 430 -3.36 8.02 -3.83
N SER A 431 -3.71 6.72 -3.77
CA SER A 431 -5.10 6.32 -3.62
C SER A 431 -5.70 6.77 -2.29
N ALA A 432 -4.87 7.09 -1.30
CA ALA A 432 -5.35 7.64 -0.04
C ALA A 432 -5.81 9.07 -0.28
N GLU A 433 -7.11 9.25 -0.46
CA GLU A 433 -7.65 10.55 -0.83
C GLU A 433 -7.52 11.54 0.32
N PHE A 434 -7.48 12.83 -0.03
CA PHE A 434 -7.41 13.88 0.98
C PHE A 434 -8.60 13.82 1.92
N ASN A 435 -9.79 13.56 1.39
CA ASN A 435 -11.02 13.53 2.16
C ASN A 435 -11.64 12.14 2.10
N ASN A 436 -12.63 11.92 2.95
CA ASN A 436 -13.38 10.67 2.99
C ASN A 436 -14.65 10.85 2.16
N ILE A 437 -14.53 10.63 0.86
CA ILE A 437 -15.64 10.79 -0.07
C ILE A 437 -16.47 9.51 -0.08
N ILE A 438 -17.78 9.65 0.08
CA ILE A 438 -18.71 8.53 0.01
C ILE A 438 -19.47 8.63 -1.31
N ALA A 439 -19.25 7.67 -2.18
CA ALA A 439 -19.83 7.69 -3.52
C ALA A 439 -21.04 6.76 -3.59
N SER A 440 -22.04 7.17 -4.38
CA SER A 440 -23.09 6.25 -4.81
C SER A 440 -22.49 5.31 -5.85
N ASP A 441 -23.35 4.63 -6.61
CA ASP A 441 -22.99 3.70 -7.69
C ASP A 441 -21.68 2.92 -7.48
N SER A 442 -21.24 2.77 -6.24
CA SER A 442 -19.98 2.09 -5.95
C SER A 442 -19.87 1.85 -4.45
N ILE A 443 -19.22 0.75 -4.08
CA ILE A 443 -18.96 0.41 -2.68
C ILE A 443 -17.67 1.11 -2.27
N THR A 444 -17.77 2.08 -1.36
CA THR A 444 -16.64 2.88 -0.95
C THR A 444 -16.01 2.29 0.32
N GLN A 445 -14.68 2.21 0.32
CA GLN A 445 -13.93 1.64 1.44
C GLN A 445 -13.17 2.76 2.13
N ILE A 446 -13.40 2.91 3.43
CA ILE A 446 -12.71 3.90 4.25
C ILE A 446 -11.91 3.16 5.32
N PRO A 447 -10.61 2.98 5.12
CA PRO A 447 -9.78 2.46 6.21
C PRO A 447 -9.86 3.38 7.42
N LEU A 448 -9.99 2.76 8.60
CA LEU A 448 -10.27 3.52 9.81
C LEU A 448 -9.11 4.42 10.24
N VAL A 449 -7.92 4.26 9.63
CA VAL A 449 -6.84 5.21 9.89
C VAL A 449 -7.11 6.57 9.27
N LYS A 450 -8.11 6.67 8.38
CA LYS A 450 -8.54 7.95 7.84
C LYS A 450 -9.53 8.66 8.74
N ALA A 451 -9.58 8.31 10.03
CA ALA A 451 -10.52 8.91 10.95
C ALA A 451 -9.98 10.21 11.54
N HIS A 452 -10.86 10.95 12.21
CA HIS A 452 -10.48 12.24 12.77
C HIS A 452 -9.73 12.07 14.09
N THR A 453 -10.35 11.41 15.07
CA THR A 453 -9.73 11.16 16.35
C THR A 453 -10.07 9.75 16.82
N LEU A 454 -9.19 9.20 17.66
CA LEU A 454 -9.48 7.97 18.37
C LEU A 454 -10.04 8.30 19.75
N GLN A 455 -10.93 7.44 20.23
CA GLN A 455 -11.38 7.55 21.61
C GLN A 455 -10.42 6.80 22.53
N SER A 456 -10.53 7.07 23.83
CA SER A 456 -9.64 6.46 24.80
C SER A 456 -9.70 4.94 24.71
N GLY A 457 -8.55 4.30 24.87
CA GLY A 457 -8.47 2.86 24.78
C GLY A 457 -8.47 2.31 23.37
N THR A 458 -8.20 3.15 22.37
CA THR A 458 -8.14 2.72 20.97
C THR A 458 -6.71 2.92 20.48
N THR A 459 -6.11 1.85 19.98
CA THR A 459 -4.70 1.83 19.61
C THR A 459 -4.54 1.60 18.12
N VAL A 460 -3.71 2.40 17.48
CA VAL A 460 -3.27 2.13 16.11
C VAL A 460 -2.12 1.13 16.18
N VAL A 461 -2.27 0.01 15.51
CA VAL A 461 -1.25 -1.05 15.53
C VAL A 461 -0.84 -1.34 14.09
N ARG A 462 0.40 -1.81 13.95
CA ARG A 462 0.93 -2.13 12.61
C ARG A 462 0.09 -3.23 11.98
N GLY A 463 -0.30 -3.02 10.73
CA GLY A 463 -1.13 -3.96 10.02
C GLY A 463 -0.44 -5.29 9.77
N PRO A 464 -1.24 -6.32 9.46
CA PRO A 464 -0.64 -7.64 9.20
C PRO A 464 0.17 -7.69 7.92
N GLY A 465 -0.23 -6.94 6.89
CA GLY A 465 0.51 -6.90 5.64
C GLY A 465 -0.36 -6.97 4.41
N PHE A 466 -1.64 -7.30 4.59
CA PHE A 466 -2.56 -7.48 3.47
C PHE A 466 -3.76 -6.54 3.53
N THR A 467 -3.78 -5.58 4.44
CA THR A 467 -4.92 -4.70 4.61
C THR A 467 -4.74 -3.36 3.89
N GLY A 468 -3.56 -3.08 3.35
CA GLY A 468 -3.29 -1.80 2.73
C GLY A 468 -2.69 -0.76 3.66
N GLY A 469 -2.75 -0.99 4.96
CA GLY A 469 -2.17 -0.05 5.91
C GLY A 469 -2.35 -0.55 7.32
N ASP A 470 -2.07 0.34 8.28
CA ASP A 470 -2.25 -0.01 9.67
C ASP A 470 -3.73 -0.04 10.03
N ILE A 471 -4.03 -0.56 11.22
CA ILE A 471 -5.41 -0.79 11.65
C ILE A 471 -5.56 -0.31 13.09
N LEU A 472 -6.80 -0.30 13.56
CA LEU A 472 -7.14 0.11 14.92
C LEU A 472 -7.42 -1.12 15.77
N ARG A 473 -7.04 -1.06 17.04
CA ARG A 473 -7.19 -2.16 17.98
C ARG A 473 -7.80 -1.66 19.28
N ARG A 474 -8.65 -2.49 19.88
CA ARG A 474 -9.30 -2.15 21.13
C ARG A 474 -9.53 -3.43 21.93
N THR A 475 -9.29 -3.36 23.24
CA THR A 475 -9.36 -4.52 24.12
C THR A 475 -10.42 -4.37 25.20
N SER A 476 -11.39 -3.47 25.01
CA SER A 476 -12.48 -3.29 25.96
C SER A 476 -13.60 -2.46 25.31
N GLY A 477 -14.85 -2.90 25.48
CA GLY A 477 -15.99 -2.28 24.81
C GLY A 477 -16.02 -0.77 24.77
N GLY A 478 -16.29 -0.19 23.61
CA GLY A 478 -16.34 1.23 23.44
C GLY A 478 -16.14 1.65 22.00
N PRO A 479 -16.31 2.95 21.71
CA PRO A 479 -16.12 3.43 20.34
C PRO A 479 -14.66 3.34 19.93
N PHE A 480 -14.45 3.03 18.64
CA PHE A 480 -13.09 2.98 18.11
C PHE A 480 -12.61 4.38 17.73
N ALA A 481 -13.12 4.92 16.63
CA ALA A 481 -12.72 6.23 16.15
C ALA A 481 -13.92 6.97 15.58
N TYR A 482 -13.76 8.28 15.44
CA TYR A 482 -14.78 9.18 14.93
C TYR A 482 -14.24 9.80 13.64
N THR A 483 -14.95 9.60 12.53
CA THR A 483 -14.48 10.03 11.22
C THR A 483 -15.54 10.84 10.51
N ILE A 484 -15.08 11.81 9.71
CA ILE A 484 -15.94 12.67 8.91
C ILE A 484 -16.06 12.08 7.51
N VAL A 485 -17.25 12.14 6.93
CA VAL A 485 -17.51 11.60 5.60
C VAL A 485 -18.15 12.70 4.73
N ASN A 486 -18.14 12.46 3.43
CA ASN A 486 -18.70 13.39 2.45
C ASN A 486 -19.48 12.58 1.42
N ILE A 487 -20.76 12.91 1.24
CA ILE A 487 -21.65 12.13 0.41
C ILE A 487 -21.64 12.69 -1.01
N ASN A 488 -21.46 11.81 -1.99
CA ASN A 488 -21.50 12.19 -3.40
C ASN A 488 -22.69 11.56 -4.10
N PRO A 492 -31.15 11.08 -2.36
CA PRO A 492 -32.14 9.99 -2.37
C PRO A 492 -31.50 8.61 -2.23
N GLN A 493 -30.37 8.54 -1.54
CA GLN A 493 -29.61 7.30 -1.41
C GLN A 493 -29.56 6.86 0.05
N ARG A 494 -29.64 5.54 0.25
CA ARG A 494 -29.45 4.93 1.56
C ARG A 494 -28.43 3.81 1.43
N TYR A 495 -27.66 3.61 2.49
CA TYR A 495 -26.51 2.71 2.46
C TYR A 495 -26.64 1.62 3.51
N ARG A 496 -25.90 0.53 3.28
CA ARG A 496 -25.74 -0.54 4.25
C ARG A 496 -24.31 -0.51 4.79
N ALA A 497 -24.19 -0.65 6.11
CA ALA A 497 -22.89 -0.55 6.77
C ALA A 497 -22.25 -1.91 6.90
N ARG A 498 -20.98 -2.01 6.50
CA ARG A 498 -20.24 -3.26 6.58
C ARG A 498 -18.84 -2.98 7.12
N ILE A 499 -18.46 -3.69 8.17
CA ILE A 499 -17.17 -3.52 8.83
C ILE A 499 -16.35 -4.79 8.65
N ARG A 500 -15.11 -4.63 8.17
CA ARG A 500 -14.15 -5.72 8.12
C ARG A 500 -13.37 -5.73 9.42
N TYR A 501 -13.47 -6.81 10.19
CA TYR A 501 -12.98 -6.82 11.56
C TYR A 501 -12.30 -8.15 11.87
N ALA A 502 -11.55 -8.15 12.97
CA ALA A 502 -10.96 -9.34 13.56
C ALA A 502 -11.21 -9.30 15.06
N SER A 503 -11.50 -10.47 15.65
CA SER A 503 -11.86 -10.50 17.05
C SER A 503 -11.59 -11.87 17.63
N THR A 504 -11.32 -11.90 18.93
CA THR A 504 -11.12 -13.14 19.69
C THR A 504 -12.34 -13.49 20.54
N THR A 505 -13.49 -12.87 20.27
CA THR A 505 -14.68 -13.06 21.09
C THR A 505 -15.91 -12.63 20.32
N ASN A 506 -17.05 -13.23 20.65
CA ASN A 506 -18.32 -12.74 20.16
C ASN A 506 -18.57 -11.34 20.72
N LEU A 507 -19.14 -10.48 19.90
CA LEU A 507 -19.27 -9.08 20.28
C LEU A 507 -20.43 -8.44 19.53
N ARG A 508 -20.58 -7.12 19.72
CA ARG A 508 -21.56 -6.32 19.02
C ARG A 508 -20.84 -5.14 18.37
N ILE A 509 -21.00 -5.00 17.06
CA ILE A 509 -20.43 -3.90 16.30
C ILE A 509 -21.55 -2.94 15.94
N TYR A 510 -21.33 -1.65 16.21
CA TYR A 510 -22.34 -0.63 15.96
C TYR A 510 -21.77 0.51 15.15
N VAL A 511 -22.67 1.28 14.54
CA VAL A 511 -22.33 2.50 13.82
C VAL A 511 -23.22 3.62 14.32
N THR A 512 -22.66 4.82 14.35
CA THR A 512 -23.37 6.02 14.80
C THR A 512 -23.26 7.09 13.72
N VAL A 513 -24.40 7.54 13.22
CA VAL A 513 -24.47 8.47 12.11
C VAL A 513 -24.88 9.84 12.63
N ALA A 514 -24.11 10.87 12.24
CA ALA A 514 -24.31 12.26 12.64
C ALA A 514 -24.40 12.44 14.15
N GLY A 515 -23.98 11.46 14.94
CA GLY A 515 -24.10 11.52 16.38
C GLY A 515 -25.43 11.05 16.94
N GLU A 516 -26.46 10.90 16.10
CA GLU A 516 -27.80 10.61 16.60
C GLU A 516 -28.16 9.13 16.44
N ARG A 517 -28.79 8.78 15.32
CA ARG A 517 -29.24 7.40 15.12
C ARG A 517 -28.07 6.44 15.10
N ILE A 518 -28.28 5.24 15.65
CA ILE A 518 -27.22 4.25 15.85
C ILE A 518 -27.77 2.87 15.52
N PHE A 519 -27.00 2.11 14.75
CA PHE A 519 -27.37 0.76 14.32
C PHE A 519 -26.28 -0.21 14.71
N ALA A 520 -26.67 -1.41 15.15
CA ALA A 520 -25.72 -2.37 15.70
C ALA A 520 -26.04 -3.76 15.17
N GLY A 521 -25.39 -4.76 15.76
CA GLY A 521 -25.58 -6.14 15.38
C GLY A 521 -24.67 -7.09 16.15
N GLN A 522 -25.13 -8.32 16.38
CA GLN A 522 -24.34 -9.32 17.09
C GLN A 522 -23.54 -10.15 16.09
N PHE A 523 -22.24 -10.28 16.32
CA PHE A 523 -21.35 -10.94 15.39
C PHE A 523 -20.44 -11.92 16.13
N ASN A 524 -19.71 -12.71 15.36
CA ASN A 524 -19.00 -13.88 15.89
C ASN A 524 -17.49 -13.67 15.86
N LYS A 525 -16.80 -14.45 16.69
CA LYS A 525 -15.35 -14.39 16.78
C LYS A 525 -14.70 -15.11 15.62
N THR A 526 -13.45 -14.72 15.33
CA THR A 526 -12.71 -15.25 14.20
C THR A 526 -11.41 -15.94 14.58
N MET A 527 -10.93 -15.79 15.80
CA MET A 527 -9.63 -16.34 16.17
C MET A 527 -9.59 -16.56 17.67
N ASP A 528 -8.64 -17.40 18.09
CA ASP A 528 -8.35 -17.56 19.50
C ASP A 528 -7.38 -16.47 19.96
N THR A 529 -7.23 -16.35 21.27
CA THR A 529 -6.25 -15.42 21.82
C THR A 529 -4.85 -15.99 21.65
N GLY A 530 -3.88 -15.09 21.47
CA GLY A 530 -2.54 -15.52 21.14
C GLY A 530 -2.49 -16.19 19.78
N ASP A 531 -2.78 -15.41 18.74
CA ASP A 531 -2.94 -15.92 17.39
C ASP A 531 -2.47 -14.83 16.44
N PRO A 532 -1.63 -15.15 15.48
CA PRO A 532 -1.20 -14.12 14.52
C PRO A 532 -2.35 -13.68 13.63
N LEU A 533 -2.24 -12.44 13.15
CA LEU A 533 -3.29 -11.83 12.34
C LEU A 533 -3.21 -12.41 10.92
N THR A 534 -4.08 -13.36 10.64
CA THR A 534 -4.11 -14.10 9.39
C THR A 534 -5.33 -13.66 8.57
N PHE A 535 -5.25 -13.83 7.25
CA PHE A 535 -6.37 -13.49 6.37
C PHE A 535 -7.68 -14.11 6.86
N GLN A 536 -7.61 -15.35 7.37
CA GLN A 536 -8.81 -15.99 7.90
C GLN A 536 -9.32 -15.30 9.16
N SER A 537 -8.48 -14.54 9.86
CA SER A 537 -8.91 -13.87 11.08
C SER A 537 -9.82 -12.68 10.82
N PHE A 538 -10.00 -12.28 9.56
CA PHE A 538 -10.84 -11.14 9.23
C PHE A 538 -12.12 -11.61 8.55
N SER A 539 -13.23 -10.95 8.87
CA SER A 539 -14.52 -11.26 8.28
C SER A 539 -15.30 -9.97 8.11
N TYR A 540 -16.43 -10.07 7.40
CA TYR A 540 -17.28 -8.92 7.13
C TYR A 540 -18.50 -8.97 8.05
N ALA A 541 -18.68 -7.92 8.84
CA ALA A 541 -19.83 -7.79 9.75
C ALA A 541 -20.79 -6.78 9.13
N THR A 542 -21.85 -7.28 8.52
CA THR A 542 -22.82 -6.44 7.83
C THR A 542 -24.00 -6.13 8.75
N ILE A 543 -24.30 -4.85 8.89
CA ILE A 543 -25.47 -4.40 9.65
C ILE A 543 -26.67 -4.37 8.72
N ASN A 544 -27.81 -4.85 9.20
CA ASN A 544 -28.96 -5.07 8.33
C ASN A 544 -29.59 -3.75 7.90
N THR A 545 -30.00 -2.91 8.86
CA THR A 545 -30.81 -1.75 8.55
C THR A 545 -30.04 -0.73 7.72
N ALA A 546 -30.70 -0.19 6.71
CA ALA A 546 -30.14 0.84 5.83
C ALA A 546 -30.57 2.22 6.30
N PHE A 547 -29.74 3.22 6.00
CA PHE A 547 -29.92 4.55 6.56
C PHE A 547 -29.43 5.61 5.57
N THR A 548 -29.82 6.85 5.84
CA THR A 548 -29.43 8.02 5.07
C THR A 548 -28.51 8.90 5.92
N PHE A 549 -28.02 9.97 5.32
CA PHE A 549 -27.19 10.96 6.01
C PHE A 549 -27.90 12.30 6.07
N PRO A 550 -28.29 12.78 7.26
CA PRO A 550 -28.95 14.08 7.36
C PRO A 550 -28.20 15.21 6.65
N MET A 551 -26.93 15.39 6.97
CA MET A 551 -26.13 16.46 6.39
C MET A 551 -25.31 15.94 5.22
N SER A 552 -24.92 16.86 4.32
CA SER A 552 -24.07 16.50 3.20
C SER A 552 -22.67 16.11 3.64
N GLN A 553 -22.24 16.58 4.81
CA GLN A 553 -20.99 16.14 5.44
C GLN A 553 -21.35 15.64 6.83
N SER A 554 -21.23 14.33 7.04
CA SER A 554 -21.73 13.68 8.24
C SER A 554 -20.58 13.16 9.09
N SER A 555 -20.94 12.78 10.31
CA SER A 555 -20.02 12.16 11.26
C SER A 555 -20.37 10.69 11.39
N PHE A 556 -19.34 9.84 11.37
CA PHE A 556 -19.53 8.39 11.35
C PHE A 556 -18.67 7.78 12.46
N THR A 557 -19.33 7.19 13.45
CA THR A 557 -18.65 6.51 14.54
C THR A 557 -18.86 5.01 14.41
N VAL A 558 -17.80 4.24 14.67
CA VAL A 558 -17.84 2.78 14.64
C VAL A 558 -17.21 2.26 15.92
N GLY A 559 -17.94 1.41 16.64
CA GLY A 559 -17.47 0.89 17.90
C GLY A 559 -17.80 -0.59 18.04
N ALA A 560 -17.40 -1.14 19.18
CA ALA A 560 -17.63 -2.55 19.49
C ALA A 560 -17.66 -2.73 21.00
N ASP A 561 -18.57 -3.57 21.47
CA ASP A 561 -18.69 -3.85 22.90
C ASP A 561 -19.36 -5.21 23.08
N THR A 562 -19.90 -5.45 24.27
CA THR A 562 -20.52 -6.72 24.65
C THR A 562 -19.52 -7.88 24.46
N PHE A 563 -18.40 -7.76 25.17
CA PHE A 563 -17.42 -8.84 25.24
C PHE A 563 -16.59 -8.63 26.49
N SER A 564 -16.09 -9.74 27.05
CA SER A 564 -15.32 -9.68 28.27
C SER A 564 -14.01 -8.94 28.05
N SER A 565 -13.66 -8.07 28.99
CA SER A 565 -12.41 -7.32 28.89
C SER A 565 -11.22 -8.26 28.96
N GLY A 566 -10.16 -7.90 28.23
CA GLY A 566 -9.01 -8.76 28.08
C GLY A 566 -8.94 -9.48 26.75
N ASN A 567 -9.89 -9.24 25.85
CA ASN A 567 -9.85 -9.81 24.51
C ASN A 567 -9.16 -8.83 23.56
N GLU A 568 -9.22 -9.11 22.26
CA GLU A 568 -8.63 -8.25 21.25
C GLU A 568 -9.62 -8.09 20.10
N VAL A 569 -9.90 -6.85 19.74
CA VAL A 569 -10.81 -6.53 18.64
C VAL A 569 -10.09 -5.59 17.68
N TYR A 570 -9.91 -6.04 16.44
CA TYR A 570 -9.28 -5.26 15.40
C TYR A 570 -10.30 -4.88 14.34
N ILE A 571 -10.22 -3.64 13.85
CA ILE A 571 -11.04 -3.19 12.73
C ILE A 571 -10.12 -2.54 11.70
N ASP A 572 -10.21 -3.02 10.46
CA ASP A 572 -9.42 -2.46 9.37
C ASP A 572 -10.15 -1.30 8.70
N ARG A 573 -11.39 -1.50 8.30
CA ARG A 573 -12.14 -0.49 7.57
C ARG A 573 -13.62 -0.77 7.69
N PHE A 574 -14.42 0.24 7.37
CA PHE A 574 -15.85 0.07 7.16
C PHE A 574 -16.18 0.35 5.70
N GLU A 575 -17.28 -0.23 5.25
CA GLU A 575 -17.71 -0.10 3.87
C GLU A 575 -19.17 0.35 3.84
N LEU A 576 -19.49 1.21 2.87
CA LEU A 576 -20.84 1.71 2.69
C LEU A 576 -21.35 1.22 1.34
N ILE A 577 -22.47 0.50 1.36
CA ILE A 577 -22.96 -0.22 0.19
C ILE A 577 -24.26 0.43 -0.27
N PRO A 578 -24.33 0.96 -1.49
CA PRO A 578 -25.59 1.50 -2.00
C PRO A 578 -26.69 0.45 -2.02
N VAL A 579 -27.89 0.87 -1.59
CA VAL A 579 -29.00 -0.07 -1.49
C VAL A 579 -29.65 -0.31 -2.84
N THR A 580 -29.72 0.70 -3.69
CA THR A 580 -30.37 0.57 -4.98
C THR A 580 -29.72 -0.52 -5.81
N ALA A 581 -28.39 -0.46 -5.96
CA ALA A 581 -27.67 -1.46 -6.73
C ALA A 581 -27.45 -2.73 -5.91
#